data_7CAQ
#
_entry.id   7CAQ
#
_cell.length_a   80.019
_cell.length_b   100.439
_cell.length_c   130.520
_cell.angle_alpha   90.00
_cell.angle_beta   90.00
_cell.angle_gamma   90.00
#
_symmetry.space_group_name_H-M   'C 2 2 21'
#
loop_
_entity.id
_entity.type
_entity.pdbx_description
1 polymer 'cis-prenyltransferase MM_0014'
2 non-polymer 'PHOSPHATE ION'
3 non-polymer 'PALMITIC ACID'
4 water water
#
_entity_poly.entity_id   1
_entity_poly.type   'polypeptide(L)'
_entity_poly.pdbx_seq_one_letter_code
;GPGYQMDIPKFKRLPRHIAIIPDGNRRWALARGLEKHEGYSSGIIPGLEVYDICVKIGIGEVTFFGFTQDNTKRPQIQRK
AFTDACIKSVQEIAKRDAEILVVGNTNSDIFPEELLEYTKRTKVGKGKIKINFLINYGWYWDLTYAYDNSPDGKKMIENI
ASAEIPRVDLLIRWGGRCRLSGMLPVQTVYSDIYVVDEMWPDFKPEHLFKALEFYQNQDITLGG
;
_entity_poly.pdbx_strand_id   A,B
#
loop_
_chem_comp.id
_chem_comp.type
_chem_comp.name
_chem_comp.formula
PLM non-polymer 'PALMITIC ACID' 'C16 H32 O2'
PO4 non-polymer 'PHOSPHATE ION' 'O4 P -3'
#
# COMPACT_ATOMS: atom_id res chain seq x y z
N LYS A 10 4.15 27.11 -0.58
CA LYS A 10 3.72 27.15 0.84
C LYS A 10 2.29 26.58 0.97
N PHE A 11 2.12 25.63 1.88
CA PHE A 11 1.00 24.68 1.93
C PHE A 11 0.19 24.88 3.22
N LYS A 12 -1.12 24.81 3.09
CA LYS A 12 -2.11 24.79 4.22
C LYS A 12 -1.89 23.50 5.03
N ARG A 13 -1.90 22.37 4.34
CA ARG A 13 -1.84 21.00 4.93
C ARG A 13 -0.53 20.36 4.48
N LEU A 14 0.31 19.93 5.42
CA LEU A 14 1.53 19.15 5.07
C LEU A 14 1.40 17.77 5.70
N PRO A 15 1.98 16.72 5.07
CA PRO A 15 2.05 15.42 5.70
C PRO A 15 3.02 15.51 6.88
N ARG A 16 2.75 14.80 7.97
CA ARG A 16 3.68 14.74 9.12
C ARG A 16 4.90 13.90 8.70
N HIS A 17 4.65 12.88 7.90
CA HIS A 17 5.66 11.84 7.61
C HIS A 17 5.56 11.41 6.15
N ILE A 18 6.65 11.61 5.42
CA ILE A 18 6.79 11.28 3.97
C ILE A 18 7.66 10.04 3.83
N ALA A 19 7.20 9.05 3.05
CA ALA A 19 8.02 7.89 2.64
C ALA A 19 8.46 8.12 1.18
N ILE A 20 9.73 7.85 0.95
CA ILE A 20 10.39 7.98 -0.38
C ILE A 20 10.84 6.61 -0.89
N ILE A 21 10.42 6.22 -2.11
CA ILE A 21 10.89 4.97 -2.77
C ILE A 21 11.69 5.44 -4.00
N PRO A 22 13.03 5.49 -3.84
CA PRO A 22 13.87 6.18 -4.82
C PRO A 22 14.21 5.22 -5.96
N ASP A 23 13.21 4.82 -6.73
CA ASP A 23 13.34 3.71 -7.71
C ASP A 23 13.70 4.30 -9.08
N GLY A 24 14.24 3.44 -9.95
CA GLY A 24 14.49 3.76 -11.38
C GLY A 24 15.98 3.90 -11.72
N ASN A 25 16.84 3.64 -10.74
CA ASN A 25 18.31 3.90 -10.87
C ASN A 25 18.90 3.12 -12.07
N ARG A 26 18.62 1.83 -12.19
CA ARG A 26 19.24 0.95 -13.23
C ARG A 26 18.67 1.32 -14.61
N ARG A 27 17.38 1.66 -14.69
CA ARG A 27 16.78 2.13 -15.96
C ARG A 27 17.42 3.45 -16.36
N TRP A 28 17.59 4.37 -15.42
CA TRP A 28 18.11 5.73 -15.71
C TRP A 28 19.50 5.60 -16.36
N ALA A 29 20.34 4.80 -15.72
CA ALA A 29 21.73 4.50 -16.16
C ALA A 29 21.73 3.86 -17.56
N LEU A 30 20.94 2.81 -17.77
CA LEU A 30 20.84 2.15 -19.10
C LEU A 30 20.45 3.19 -20.16
N ALA A 31 19.47 4.05 -19.87
CA ALA A 31 18.95 5.07 -20.81
C ALA A 31 20.06 6.07 -21.14
N ARG A 32 21.00 6.25 -20.23
CA ARG A 32 22.03 7.31 -20.33
C ARG A 32 23.23 6.79 -21.09
N GLY A 33 23.25 5.51 -21.43
CA GLY A 33 24.41 4.84 -22.02
C GLY A 33 25.36 4.33 -20.96
N LEU A 34 24.89 4.18 -19.71
CA LEU A 34 25.71 3.63 -18.59
C LEU A 34 25.33 2.17 -18.32
N GLU A 35 26.07 1.51 -17.42
CA GLU A 35 25.77 0.16 -16.94
C GLU A 35 24.69 0.29 -15.83
N LYS A 36 23.93 -0.78 -15.61
CA LYS A 36 22.78 -0.76 -14.66
C LYS A 36 23.30 -0.33 -13.28
N HIS A 37 24.36 -1.02 -12.82
CA HIS A 37 24.94 -0.84 -11.46
C HIS A 37 25.39 0.61 -11.28
N GLU A 38 25.61 1.38 -12.36
CA GLU A 38 26.20 2.74 -12.26
C GLU A 38 25.17 3.84 -12.02
N GLY A 39 23.86 3.54 -11.95
CA GLY A 39 22.87 4.58 -11.66
C GLY A 39 22.83 4.90 -10.17
N TYR A 40 23.12 3.91 -9.34
CA TYR A 40 22.89 4.01 -7.87
C TYR A 40 23.72 5.14 -7.30
N SER A 41 24.98 5.25 -7.73
CA SER A 41 25.83 6.40 -7.30
C SER A 41 25.10 7.71 -7.58
N SER A 42 24.27 7.82 -8.63
CA SER A 42 23.60 9.11 -8.97
C SER A 42 22.26 9.29 -8.20
N GLY A 43 21.95 8.37 -7.28
CA GLY A 43 20.78 8.48 -6.38
C GLY A 43 21.13 9.20 -5.09
N ILE A 44 22.43 9.38 -4.79
CA ILE A 44 22.85 9.95 -3.48
C ILE A 44 22.42 11.42 -3.45
N ILE A 45 22.76 12.21 -4.46
CA ILE A 45 22.44 13.68 -4.50
C ILE A 45 20.94 13.92 -4.38
N PRO A 46 20.07 13.26 -5.19
CA PRO A 46 18.64 13.50 -5.07
C PRO A 46 18.15 13.37 -3.62
N GLY A 47 18.64 12.36 -2.88
CA GLY A 47 18.23 12.16 -1.47
C GLY A 47 18.50 13.42 -0.67
N LEU A 48 19.69 13.97 -0.87
CA LEU A 48 20.16 15.15 -0.13
C LEU A 48 19.27 16.33 -0.50
N GLU A 49 18.79 16.41 -1.74
CA GLU A 49 17.91 17.52 -2.17
C GLU A 49 16.48 17.40 -1.57
N VAL A 50 15.94 16.18 -1.55
CA VAL A 50 14.64 15.93 -0.86
C VAL A 50 14.80 16.38 0.60
N TYR A 51 15.86 15.95 1.28
CA TYR A 51 16.14 16.34 2.70
C TYR A 51 16.08 17.87 2.78
N ASP A 52 16.83 18.52 1.91
CA ASP A 52 16.88 20.00 1.90
C ASP A 52 15.49 20.62 1.84
N ILE A 53 14.64 20.21 0.93
CA ILE A 53 13.29 20.84 0.73
C ILE A 53 12.40 20.54 1.95
N CYS A 54 12.43 19.30 2.41
CA CYS A 54 11.70 18.88 3.64
C CYS A 54 12.07 19.75 4.84
N VAL A 55 13.36 19.91 5.13
CA VAL A 55 13.81 20.85 6.22
C VAL A 55 13.19 22.23 5.95
N LYS A 56 13.34 22.72 4.73
CA LYS A 56 12.91 24.08 4.34
C LYS A 56 11.41 24.29 4.59
N ILE A 57 10.51 23.36 4.23
CA ILE A 57 9.05 23.58 4.48
C ILE A 57 8.60 23.10 5.86
N GLY A 58 9.42 22.33 6.59
CA GLY A 58 9.14 21.91 7.98
C GLY A 58 8.45 20.56 8.07
N ILE A 59 8.75 19.66 7.13
CA ILE A 59 8.31 18.23 7.21
C ILE A 59 8.95 17.61 8.45
N GLY A 60 8.17 16.94 9.27
CA GLY A 60 8.64 16.39 10.56
C GLY A 60 9.53 15.19 10.38
N GLU A 61 9.20 14.30 9.44
CA GLU A 61 9.83 12.98 9.34
C GLU A 61 9.78 12.52 7.89
N VAL A 62 10.89 11.99 7.43
CA VAL A 62 11.05 11.37 6.09
C VAL A 62 11.67 10.01 6.27
N THR A 63 11.13 8.99 5.61
CA THR A 63 11.68 7.63 5.58
C THR A 63 12.07 7.34 4.13
N PHE A 64 13.36 7.05 3.92
CA PHE A 64 13.87 6.54 2.63
C PHE A 64 13.95 5.03 2.62
N PHE A 65 13.47 4.44 1.54
CA PHE A 65 13.58 3.02 1.26
C PHE A 65 14.97 2.76 0.64
N GLY A 66 15.90 2.19 1.41
CA GLY A 66 17.27 1.96 0.94
C GLY A 66 17.39 0.70 0.12
N PHE A 67 17.33 -0.48 0.74
CA PHE A 67 17.36 -1.79 0.06
C PHE A 67 16.76 -2.81 1.01
N THR A 68 16.24 -3.89 0.44
CA THR A 68 15.53 -5.00 1.12
C THR A 68 16.47 -6.18 1.24
N GLN A 69 16.05 -7.17 2.02
CA GLN A 69 16.70 -8.50 2.10
C GLN A 69 16.64 -9.19 0.73
N ASP A 70 15.56 -9.00 -0.02
CA ASP A 70 15.34 -9.63 -1.36
C ASP A 70 16.25 -8.98 -2.42
N ASN A 71 16.58 -7.68 -2.29
CA ASN A 71 17.44 -6.91 -3.22
C ASN A 71 18.86 -7.48 -3.27
N THR A 72 19.27 -8.18 -2.22
CA THR A 72 20.66 -8.69 -2.02
C THR A 72 20.83 -10.03 -2.78
N LYS A 73 19.74 -10.60 -3.34
CA LYS A 73 19.73 -11.78 -4.25
C LYS A 73 20.12 -11.37 -5.68
N ARG A 74 20.39 -10.09 -5.92
CA ARG A 74 20.74 -9.52 -7.25
C ARG A 74 22.22 -9.71 -7.54
N PRO A 75 22.67 -9.44 -8.79
CA PRO A 75 24.10 -9.53 -9.13
C PRO A 75 24.93 -8.73 -8.12
N GLN A 76 26.10 -9.26 -7.74
CA GLN A 76 26.95 -8.69 -6.66
C GLN A 76 27.38 -7.27 -7.06
N ILE A 77 27.61 -7.04 -8.35
CA ILE A 77 28.06 -5.71 -8.84
C ILE A 77 26.95 -4.66 -8.55
N GLN A 78 25.69 -5.06 -8.59
CA GLN A 78 24.58 -4.12 -8.24
C GLN A 78 24.48 -4.01 -6.70
N ARG A 79 24.57 -5.13 -5.99
CA ARG A 79 24.46 -5.14 -4.50
C ARG A 79 25.53 -4.20 -3.93
N LYS A 80 26.77 -4.33 -4.44
CA LYS A 80 27.89 -3.51 -3.95
C LYS A 80 27.53 -2.04 -4.17
N ALA A 81 27.00 -1.74 -5.34
CA ALA A 81 26.73 -0.36 -5.81
C ALA A 81 25.56 0.29 -5.03
N PHE A 82 24.46 -0.43 -4.82
CA PHE A 82 23.29 0.18 -4.10
C PHE A 82 23.72 0.28 -2.63
N THR A 83 24.42 -0.73 -2.11
CA THR A 83 24.85 -0.76 -0.68
C THR A 83 25.75 0.45 -0.41
N ASP A 84 26.73 0.68 -1.27
CA ASP A 84 27.68 1.81 -1.13
C ASP A 84 26.93 3.12 -1.19
N ALA A 85 25.95 3.22 -2.09
CA ALA A 85 25.20 4.47 -2.31
C ALA A 85 24.35 4.75 -1.07
N CYS A 86 23.80 3.71 -0.47
CA CYS A 86 22.99 3.79 0.77
C CYS A 86 23.89 4.24 1.92
N ILE A 87 25.01 3.53 2.08
CA ILE A 87 26.02 3.88 3.12
C ILE A 87 26.28 5.37 2.99
N LYS A 88 26.61 5.88 1.79
CA LYS A 88 27.03 7.29 1.60
C LYS A 88 25.90 8.28 1.84
N SER A 89 24.65 7.91 1.51
CA SER A 89 23.52 8.83 1.74
C SER A 89 23.39 9.04 3.26
N VAL A 90 23.47 7.96 4.02
CA VAL A 90 23.31 8.04 5.52
C VAL A 90 24.45 8.93 6.01
N GLN A 91 25.69 8.61 5.60
CA GLN A 91 26.89 9.37 6.05
C GLN A 91 26.72 10.85 5.73
N GLU A 92 26.13 11.18 4.58
CA GLU A 92 25.99 12.59 4.12
C GLU A 92 24.89 13.30 4.90
N ILE A 93 23.75 12.64 5.15
CA ILE A 93 22.70 13.28 5.99
C ILE A 93 23.28 13.48 7.40
N ALA A 94 24.11 12.54 7.87
CA ALA A 94 24.88 12.61 9.15
C ALA A 94 25.72 13.88 9.23
N LYS A 95 26.16 14.42 8.08
CA LYS A 95 26.93 15.68 8.02
C LYS A 95 25.99 16.89 8.11
N ARG A 96 24.67 16.71 8.24
CA ARG A 96 23.69 17.84 8.19
C ARG A 96 23.00 18.00 9.56
N ASP A 97 21.73 18.42 9.62
CA ASP A 97 21.04 18.82 10.87
C ASP A 97 19.82 17.92 11.14
N ALA A 98 20.03 16.63 11.32
CA ALA A 98 18.97 15.61 11.28
C ALA A 98 19.03 14.76 12.54
N GLU A 99 17.91 14.13 12.88
CA GLU A 99 17.89 12.99 13.82
C GLU A 99 17.78 11.73 12.96
N ILE A 100 18.87 11.00 12.87
CA ILE A 100 18.99 9.89 11.90
C ILE A 100 18.68 8.56 12.57
N LEU A 101 17.89 7.74 11.90
CA LEU A 101 17.63 6.36 12.31
C LEU A 101 17.69 5.40 11.11
N VAL A 102 18.45 4.32 11.28
CA VAL A 102 18.50 3.18 10.33
C VAL A 102 17.81 1.97 10.92
N VAL A 103 16.90 1.35 10.16
CA VAL A 103 16.09 0.17 10.56
C VAL A 103 16.32 -0.91 9.53
N GLY A 104 16.60 -2.11 10.00
CA GLY A 104 16.94 -3.24 9.14
C GLY A 104 17.48 -4.39 9.95
N ASN A 105 17.66 -5.52 9.29
CA ASN A 105 18.07 -6.76 9.95
C ASN A 105 19.58 -6.68 10.18
N THR A 106 19.98 -6.30 11.39
CA THR A 106 21.42 -6.21 11.75
C THR A 106 21.97 -7.60 12.09
N ASN A 107 21.13 -8.67 12.16
CA ASN A 107 21.56 -10.05 12.51
C ASN A 107 21.89 -10.79 11.22
N SER A 108 22.75 -10.18 10.40
CA SER A 108 23.12 -10.59 9.04
C SER A 108 24.39 -9.85 8.59
N ASP A 109 25.38 -10.56 8.02
CA ASP A 109 26.64 -10.01 7.45
C ASP A 109 26.34 -9.02 6.32
N ILE A 110 25.15 -9.12 5.72
CA ILE A 110 24.76 -8.21 4.62
C ILE A 110 24.52 -6.81 5.21
N PHE A 111 24.15 -6.69 6.49
CA PHE A 111 23.88 -5.35 7.06
C PHE A 111 25.22 -4.63 7.13
N PRO A 112 25.38 -3.46 6.53
CA PRO A 112 26.68 -2.80 6.52
C PRO A 112 27.12 -2.32 7.91
N GLU A 113 28.29 -2.81 8.34
CA GLU A 113 29.01 -2.32 9.53
C GLU A 113 28.90 -0.79 9.66
N GLU A 114 29.11 -0.06 8.58
CA GLU A 114 29.18 1.41 8.54
C GLU A 114 27.90 2.04 9.13
N LEU A 115 26.77 1.31 9.10
CA LEU A 115 25.48 1.92 9.48
C LEU A 115 25.01 1.51 10.88
N LEU A 116 25.75 0.66 11.57
CA LEU A 116 25.34 0.13 12.90
C LEU A 116 25.14 1.28 13.87
N GLU A 117 25.94 2.34 13.77
CA GLU A 117 25.96 3.44 14.75
C GLU A 117 24.70 4.32 14.62
N TYR A 118 23.90 4.11 13.57
CA TYR A 118 22.64 4.86 13.35
C TYR A 118 21.43 3.98 13.66
N THR A 119 21.60 2.80 14.26
CA THR A 119 20.47 1.89 14.56
C THR A 119 19.73 2.33 15.83
N LYS A 120 20.19 3.37 16.51
CA LYS A 120 19.41 4.10 17.54
C LYS A 120 19.43 5.54 17.09
N ARG A 121 18.29 6.24 17.18
CA ARG A 121 18.20 7.64 16.67
C ARG A 121 19.36 8.52 17.14
N THR A 122 19.97 9.21 16.19
CA THR A 122 21.22 10.00 16.39
C THR A 122 21.04 11.42 15.88
N LYS A 123 21.19 12.38 16.79
CA LYS A 123 21.13 13.83 16.45
C LYS A 123 22.49 14.25 15.90
N VAL A 124 22.48 15.01 14.80
CA VAL A 124 23.66 15.55 14.07
C VAL A 124 23.35 17.03 13.81
N GLY A 125 24.36 17.89 13.90
CA GLY A 125 24.23 19.35 13.77
C GLY A 125 23.11 19.89 14.64
N LYS A 126 22.14 20.56 14.00
CA LYS A 126 21.07 21.35 14.66
C LYS A 126 19.85 20.46 14.97
N GLY A 127 19.71 19.27 14.35
CA GLY A 127 18.58 18.35 14.60
C GLY A 127 17.24 18.80 14.00
N LYS A 128 16.15 18.49 14.68
CA LYS A 128 14.76 18.91 14.36
C LYS A 128 14.20 18.49 12.99
N ILE A 129 14.67 17.39 12.43
CA ILE A 129 13.97 16.68 11.34
C ILE A 129 14.34 15.22 11.51
N LYS A 130 13.33 14.36 11.57
CA LYS A 130 13.63 12.92 11.66
C LYS A 130 13.84 12.37 10.26
N ILE A 131 14.99 11.74 10.03
CA ILE A 131 15.30 11.00 8.77
C ILE A 131 15.55 9.53 9.10
N ASN A 132 14.79 8.68 8.45
CA ASN A 132 14.86 7.22 8.61
C ASN A 132 15.35 6.65 7.29
N PHE A 133 16.11 5.57 7.38
CA PHE A 133 16.57 4.72 6.24
C PHE A 133 16.28 3.25 6.50
N LEU A 134 15.63 2.58 5.54
CA LEU A 134 15.39 1.12 5.56
C LEU A 134 16.52 0.47 4.78
N ILE A 135 17.34 -0.29 5.50
CA ILE A 135 18.64 -0.85 5.04
C ILE A 135 18.66 -2.32 5.43
N ASN A 136 18.64 -3.26 4.47
CA ASN A 136 18.52 -4.71 4.72
C ASN A 136 17.20 -4.92 5.47
N TYR A 137 16.16 -4.23 5.00
CA TYR A 137 14.77 -4.28 5.53
C TYR A 137 13.98 -5.34 4.76
N GLY A 138 13.05 -5.98 5.44
CA GLY A 138 12.10 -6.89 4.81
C GLY A 138 10.79 -6.78 5.55
N TRP A 139 9.68 -6.68 4.83
CA TRP A 139 8.35 -6.53 5.49
C TRP A 139 8.11 -7.72 6.43
N TYR A 140 8.51 -8.91 6.01
CA TYR A 140 8.22 -10.18 6.72
C TYR A 140 9.02 -10.23 8.04
N TRP A 141 10.28 -9.86 7.95
CA TRP A 141 11.20 -9.66 9.09
C TRP A 141 10.59 -8.63 10.06
N ASP A 142 10.04 -7.52 9.54
CA ASP A 142 9.49 -6.42 10.34
C ASP A 142 8.29 -6.95 11.14
N LEU A 143 7.34 -7.59 10.46
CA LEU A 143 6.05 -7.98 11.08
C LEU A 143 6.32 -9.06 12.14
N THR A 144 7.18 -10.01 11.82
CA THR A 144 7.46 -11.22 12.63
C THR A 144 8.46 -10.93 13.76
N TYR A 145 9.13 -9.76 13.75
CA TYR A 145 10.10 -9.35 14.80
C TYR A 145 9.35 -9.35 16.12
N ALA A 146 8.08 -9.01 15.99
CA ALA A 146 7.01 -8.99 17.01
C ALA A 146 6.63 -10.41 17.41
N TYR A 147 6.13 -11.22 16.45
CA TYR A 147 5.51 -12.57 16.67
C TYR A 147 6.42 -13.41 17.55
N ASP A 148 7.73 -13.25 17.41
CA ASP A 148 8.78 -13.91 18.24
C ASP A 148 8.80 -13.29 19.64
N ASN A 149 8.18 -13.97 20.62
CA ASN A 149 8.36 -13.77 22.09
C ASN A 149 7.72 -12.45 22.54
N SER A 150 6.44 -12.23 22.23
CA SER A 150 5.59 -11.11 22.74
C SER A 150 4.47 -11.70 23.59
N PRO A 151 3.96 -10.97 24.61
CA PRO A 151 2.86 -11.46 25.44
C PRO A 151 1.52 -11.64 24.70
N ASP A 152 1.20 -10.76 23.73
CA ASP A 152 -0.14 -10.74 23.09
C ASP A 152 -0.07 -10.03 21.73
N GLY A 153 -1.21 -9.97 21.03
CA GLY A 153 -1.44 -9.21 19.79
C GLY A 153 -1.11 -7.72 19.91
N LYS A 154 -1.55 -7.04 20.98
CA LYS A 154 -1.29 -5.57 21.16
C LYS A 154 0.22 -5.32 21.26
N LYS A 155 0.89 -6.08 22.12
CA LYS A 155 2.37 -6.01 22.30
C LYS A 155 3.06 -6.39 20.99
N MET A 156 2.64 -7.47 20.33
CA MET A 156 3.22 -7.94 19.03
C MET A 156 3.29 -6.74 18.06
N ILE A 157 2.18 -6.03 17.85
CA ILE A 157 2.13 -4.93 16.82
C ILE A 157 3.00 -3.74 17.23
N GLU A 158 2.96 -3.27 18.48
CA GLU A 158 3.77 -2.08 18.88
C GLU A 158 5.27 -2.47 19.00
N ASN A 159 5.61 -3.74 18.83
CA ASN A 159 7.01 -4.24 18.88
C ASN A 159 7.46 -4.76 17.50
N ILE A 160 6.82 -4.38 16.38
CA ILE A 160 7.41 -4.71 15.04
C ILE A 160 8.82 -4.09 14.97
N ALA A 161 9.69 -4.56 14.10
CA ALA A 161 11.07 -4.04 13.99
C ALA A 161 11.05 -2.53 13.73
N SER A 162 10.07 -2.01 12.94
CA SER A 162 9.98 -0.59 12.54
C SER A 162 9.14 0.26 13.49
N ALA A 163 8.91 -0.18 14.72
CA ALA A 163 7.91 0.44 15.62
C ALA A 163 8.23 1.90 15.91
N GLU A 164 9.51 2.25 15.83
CA GLU A 164 9.96 3.63 16.05
C GLU A 164 9.52 4.53 14.92
N ILE A 165 9.16 3.97 13.77
CA ILE A 165 8.71 4.75 12.59
C ILE A 165 7.19 4.84 12.63
N PRO A 166 6.61 6.06 12.70
CA PRO A 166 5.17 6.23 12.79
C PRO A 166 4.49 6.11 11.42
N ARG A 167 3.17 6.05 11.45
CA ARG A 167 2.31 6.05 10.25
C ARG A 167 2.85 7.00 9.17
N VAL A 168 2.84 6.53 7.92
CA VAL A 168 3.19 7.33 6.71
C VAL A 168 1.96 8.06 6.15
N ASP A 169 2.02 9.36 6.07
CA ASP A 169 0.92 10.20 5.51
C ASP A 169 0.96 10.19 3.99
N LEU A 170 2.15 10.29 3.41
CA LEU A 170 2.32 10.45 1.97
C LEU A 170 3.54 9.63 1.56
N LEU A 171 3.34 8.74 0.61
CA LEU A 171 4.41 7.90 0.02
C LEU A 171 4.62 8.35 -1.42
N ILE A 172 5.85 8.70 -1.76
CA ILE A 172 6.19 9.22 -3.12
C ILE A 172 7.15 8.20 -3.70
N ARG A 173 6.83 7.65 -4.86
CA ARG A 173 7.68 6.65 -5.53
C ARG A 173 8.06 7.14 -6.92
N TRP A 174 9.38 7.10 -7.18
CA TRP A 174 9.94 7.43 -8.50
C TRP A 174 10.01 6.17 -9.32
N GLY A 175 10.08 6.35 -10.65
CA GLY A 175 10.30 5.26 -11.59
C GLY A 175 9.01 4.73 -12.20
N GLY A 176 7.87 5.35 -11.88
CA GLY A 176 6.56 5.14 -12.55
C GLY A 176 5.83 3.88 -12.13
N ARG A 177 6.31 3.09 -11.18
CA ARG A 177 5.57 1.88 -10.72
C ARG A 177 4.73 2.29 -9.51
N CYS A 178 3.46 1.89 -9.49
CA CYS A 178 2.53 2.18 -8.36
C CYS A 178 2.41 0.91 -7.53
N ARG A 179 3.35 0.72 -6.59
CA ARG A 179 3.42 -0.45 -5.69
C ARG A 179 4.30 -0.07 -4.49
N LEU A 180 4.13 -0.78 -3.39
CA LEU A 180 4.73 -0.42 -2.09
C LEU A 180 6.06 -1.15 -1.94
N SER A 181 6.27 -2.18 -2.75
CA SER A 181 7.44 -3.07 -2.65
C SER A 181 7.74 -3.38 -1.17
N GLY A 182 6.70 -3.71 -0.40
CA GLY A 182 6.89 -4.20 0.98
C GLY A 182 7.46 -3.15 1.92
N MET A 183 7.32 -1.87 1.61
CA MET A 183 7.74 -0.80 2.53
C MET A 183 6.71 -0.63 3.66
N LEU A 184 7.06 -1.02 4.88
CA LEU A 184 6.34 -0.60 6.13
C LEU A 184 4.83 -0.88 5.96
N PRO A 185 4.40 -2.14 5.82
CA PRO A 185 2.97 -2.44 5.59
C PRO A 185 2.11 -1.91 6.73
N VAL A 186 2.56 -1.89 7.99
CA VAL A 186 1.70 -1.36 9.09
C VAL A 186 1.53 0.16 8.94
N GLN A 187 2.62 0.89 8.65
CA GLN A 187 2.65 2.36 8.59
C GLN A 187 2.00 2.89 7.31
N THR A 188 1.78 2.06 6.30
CA THR A 188 1.29 2.52 4.98
C THR A 188 -0.16 2.13 4.74
N VAL A 189 -0.87 1.59 5.75
CA VAL A 189 -2.31 1.21 5.53
C VAL A 189 -3.14 2.36 4.96
N TYR A 190 -2.93 3.62 5.40
CA TYR A 190 -3.72 4.77 4.94
C TYR A 190 -2.89 5.76 4.13
N SER A 191 -1.65 5.43 3.76
CA SER A 191 -0.81 6.39 3.04
C SER A 191 -1.41 6.71 1.67
N ASP A 192 -1.42 7.99 1.32
CA ASP A 192 -1.70 8.40 -0.07
C ASP A 192 -0.39 8.22 -0.83
N ILE A 193 -0.51 7.65 -2.02
CA ILE A 193 0.62 7.21 -2.87
C ILE A 193 0.66 8.12 -4.09
N TYR A 194 1.81 8.77 -4.31
CA TYR A 194 2.00 9.67 -5.47
C TYR A 194 3.14 9.07 -6.27
N VAL A 195 2.92 8.83 -7.56
CA VAL A 195 3.95 8.20 -8.42
C VAL A 195 4.55 9.27 -9.34
N VAL A 196 5.87 9.34 -9.38
CA VAL A 196 6.60 10.21 -10.34
C VAL A 196 7.09 9.29 -11.43
N ASP A 197 6.82 9.65 -12.68
CA ASP A 197 7.18 8.75 -13.80
C ASP A 197 8.71 8.78 -14.03
N GLU A 198 9.34 9.94 -13.81
CA GLU A 198 10.81 10.06 -14.02
C GLU A 198 11.54 9.16 -13.05
N MET A 199 12.70 8.65 -13.45
CA MET A 199 13.59 7.84 -12.57
C MET A 199 14.21 8.73 -11.50
N TRP A 200 14.52 8.11 -10.36
CA TRP A 200 15.02 8.78 -9.13
C TRP A 200 16.18 9.69 -9.51
N PRO A 201 17.22 9.28 -10.29
CA PRO A 201 18.33 10.20 -10.53
C PRO A 201 17.92 11.47 -11.29
N ASP A 202 16.73 11.49 -11.92
CA ASP A 202 16.13 12.66 -12.60
C ASP A 202 15.23 13.46 -11.64
N PHE A 203 15.32 13.18 -10.34
CA PHE A 203 14.64 13.98 -9.30
C PHE A 203 14.71 15.48 -9.65
N LYS A 204 13.57 16.14 -9.61
CA LYS A 204 13.44 17.61 -9.64
C LYS A 204 12.60 18.04 -8.46
N PRO A 205 12.84 19.23 -7.85
CA PRO A 205 11.99 19.77 -6.78
C PRO A 205 10.48 19.71 -7.10
N GLU A 206 10.12 19.93 -8.36
CA GLU A 206 8.70 20.02 -8.74
C GLU A 206 8.01 18.67 -8.47
N HIS A 207 8.75 17.55 -8.55
CA HIS A 207 8.27 16.17 -8.21
C HIS A 207 7.71 16.18 -6.78
N LEU A 208 8.50 16.70 -5.85
CA LEU A 208 8.08 16.80 -4.43
C LEU A 208 6.99 17.86 -4.30
N PHE A 209 7.11 19.01 -4.96
CA PHE A 209 6.05 20.04 -4.84
C PHE A 209 4.74 19.46 -5.37
N LYS A 210 4.74 18.69 -6.47
CA LYS A 210 3.46 18.16 -7.03
C LYS A 210 2.87 17.12 -6.06
N ALA A 211 3.74 16.38 -5.36
CA ALA A 211 3.33 15.30 -4.43
C ALA A 211 2.69 16.01 -3.24
N LEU A 212 3.24 17.15 -2.86
CA LEU A 212 2.68 17.91 -1.72
C LEU A 212 1.35 18.60 -2.10
N GLU A 213 1.20 19.06 -3.34
CA GLU A 213 -0.08 19.64 -3.84
C GLU A 213 -1.16 18.53 -3.82
N PHE A 214 -0.81 17.34 -4.29
CA PHE A 214 -1.71 16.15 -4.27
C PHE A 214 -2.18 15.86 -2.86
N TYR A 215 -1.27 15.87 -1.90
CA TYR A 215 -1.63 15.62 -0.50
C TYR A 215 -2.57 16.71 0.00
N GLN A 216 -2.23 17.99 -0.21
CA GLN A 216 -3.05 19.15 0.21
C GLN A 216 -4.44 19.03 -0.44
N ASN A 217 -4.52 18.53 -1.68
CA ASN A 217 -5.76 18.53 -2.49
C ASN A 217 -6.70 17.39 -2.06
N GLN A 218 -6.29 16.49 -1.16
CA GLN A 218 -7.15 15.36 -0.74
C GLN A 218 -8.35 15.91 0.04
N ASP A 219 -9.50 15.26 -0.15
CA ASP A 219 -10.75 15.72 0.49
C ASP A 219 -10.82 15.12 1.89
N ILE A 220 -10.61 15.93 2.94
CA ILE A 220 -10.54 15.42 4.34
C ILE A 220 -11.92 15.02 4.88
N THR A 221 -13.01 15.19 4.14
CA THR A 221 -14.37 14.75 4.58
C THR A 221 -14.54 13.24 4.34
N LEU A 222 -13.66 12.63 3.55
CA LEU A 222 -13.91 11.27 2.99
C LEU A 222 -13.50 10.14 3.94
N GLY A 223 -12.78 10.41 5.03
CA GLY A 223 -12.36 9.41 6.01
C GLY A 223 -11.23 8.52 5.46
N GLY A 224 -10.96 7.40 6.11
CA GLY A 224 -9.77 6.57 5.81
C GLY A 224 -9.89 5.88 4.47
N ILE B 8 -14.02 -7.16 -25.63
CA ILE B 8 -12.94 -7.53 -24.67
C ILE B 8 -11.60 -7.63 -25.41
N PRO B 9 -10.53 -6.92 -24.98
CA PRO B 9 -9.21 -7.16 -25.57
C PRO B 9 -8.75 -8.61 -25.30
N LYS B 10 -7.92 -9.14 -26.21
CA LYS B 10 -7.04 -10.32 -25.98
C LYS B 10 -5.91 -9.84 -25.07
N PHE B 11 -5.69 -10.51 -23.95
CA PHE B 11 -4.66 -10.13 -22.95
C PHE B 11 -3.46 -11.06 -23.11
N LYS B 12 -2.26 -10.48 -23.17
CA LYS B 12 -0.96 -11.20 -23.21
C LYS B 12 -0.75 -11.97 -21.90
N ARG B 13 -0.80 -11.29 -20.75
CA ARG B 13 -0.80 -11.92 -19.41
C ARG B 13 -1.94 -11.30 -18.58
N LEU B 14 -2.47 -12.08 -17.66
CA LEU B 14 -3.49 -11.64 -16.69
C LEU B 14 -2.99 -11.91 -15.27
N PRO B 15 -3.46 -11.12 -14.30
CA PRO B 15 -3.12 -11.40 -12.92
C PRO B 15 -3.86 -12.65 -12.45
N ARG B 16 -3.29 -13.37 -11.49
CA ARG B 16 -3.95 -14.51 -10.81
C ARG B 16 -5.01 -14.01 -9.84
N HIS B 17 -4.74 -12.87 -9.17
CA HIS B 17 -5.55 -12.38 -8.03
C HIS B 17 -5.72 -10.86 -8.17
N ILE B 18 -6.97 -10.43 -8.39
CA ILE B 18 -7.38 -8.99 -8.44
C ILE B 18 -8.07 -8.64 -7.12
N ALA B 19 -7.64 -7.53 -6.54
CA ALA B 19 -8.36 -6.89 -5.43
C ALA B 19 -9.11 -5.70 -6.00
N ILE B 20 -10.33 -5.50 -5.47
CA ILE B 20 -11.24 -4.42 -5.91
C ILE B 20 -11.55 -3.55 -4.70
N ILE B 21 -11.34 -2.25 -4.82
CA ILE B 21 -11.84 -1.27 -3.80
C ILE B 21 -12.88 -0.40 -4.47
N PRO B 22 -14.17 -0.71 -4.17
CA PRO B 22 -15.30 -0.13 -4.87
C PRO B 22 -15.74 1.21 -4.27
N ASP B 23 -14.83 2.17 -4.23
CA ASP B 23 -15.02 3.43 -3.49
C ASP B 23 -15.65 4.52 -4.37
N GLY B 24 -16.18 5.59 -3.75
CA GLY B 24 -16.73 6.76 -4.46
C GLY B 24 -18.27 6.84 -4.37
N ASN B 25 -18.86 5.92 -3.63
CA ASN B 25 -20.34 5.76 -3.62
C ASN B 25 -21.01 7.03 -3.11
N ARG B 26 -20.44 7.68 -2.10
CA ARG B 26 -21.13 8.84 -1.46
C ARG B 26 -21.00 10.04 -2.39
N ARG B 27 -19.82 10.31 -2.94
CA ARG B 27 -19.61 11.43 -3.87
C ARG B 27 -20.49 11.21 -5.10
N TRP B 28 -20.60 9.96 -5.55
CA TRP B 28 -21.45 9.62 -6.74
C TRP B 28 -22.87 10.12 -6.46
N ALA B 29 -23.44 9.77 -5.32
CA ALA B 29 -24.82 10.13 -4.94
C ALA B 29 -24.94 11.66 -4.85
N LEU B 30 -23.99 12.31 -4.17
CA LEU B 30 -24.05 13.79 -4.00
C LEU B 30 -24.08 14.48 -5.37
N ALA B 31 -23.27 14.00 -6.33
CA ALA B 31 -23.13 14.65 -7.65
C ALA B 31 -24.47 14.52 -8.41
N ARG B 32 -25.34 13.60 -7.99
CA ARG B 32 -26.63 13.27 -8.63
C ARG B 32 -27.80 13.84 -7.83
N GLY B 33 -27.49 14.68 -6.83
CA GLY B 33 -28.47 15.36 -5.96
C GLY B 33 -29.17 14.38 -5.04
N LEU B 34 -28.59 13.18 -4.88
CA LEU B 34 -29.15 12.19 -3.92
C LEU B 34 -28.53 12.43 -2.55
N GLU B 35 -29.03 11.72 -1.55
CA GLU B 35 -28.44 11.71 -0.19
C GLU B 35 -27.13 10.91 -0.20
N LYS B 36 -26.19 11.24 0.69
CA LYS B 36 -24.83 10.63 0.77
C LYS B 36 -24.91 9.12 0.84
N HIS B 37 -25.87 8.59 1.58
CA HIS B 37 -26.01 7.13 1.78
C HIS B 37 -26.69 6.48 0.56
N GLU B 38 -27.20 7.26 -0.40
CA GLU B 38 -28.09 6.71 -1.46
C GLU B 38 -27.31 6.27 -2.70
N GLY B 39 -25.97 6.17 -2.64
CA GLY B 39 -25.15 5.67 -3.75
C GLY B 39 -24.76 4.20 -3.60
N TYR B 40 -24.73 3.65 -2.40
CA TYR B 40 -24.24 2.26 -2.19
C TYR B 40 -25.00 1.21 -2.99
N SER B 41 -26.33 1.33 -3.06
CA SER B 41 -27.18 0.30 -3.71
C SER B 41 -26.86 0.25 -5.21
N SER B 42 -26.35 1.36 -5.78
CA SER B 42 -25.91 1.45 -7.20
C SER B 42 -24.51 0.84 -7.39
N GLY B 43 -23.94 0.32 -6.31
CA GLY B 43 -22.67 -0.43 -6.42
C GLY B 43 -22.84 -1.93 -6.54
N ILE B 44 -24.05 -2.47 -6.41
CA ILE B 44 -24.27 -3.94 -6.45
C ILE B 44 -24.05 -4.43 -7.88
N ILE B 45 -24.74 -3.86 -8.86
CA ILE B 45 -24.66 -4.31 -10.25
C ILE B 45 -23.25 -4.19 -10.77
N PRO B 46 -22.47 -3.11 -10.49
CA PRO B 46 -21.07 -3.10 -10.90
C PRO B 46 -20.24 -4.31 -10.42
N GLY B 47 -20.48 -4.78 -9.20
CA GLY B 47 -19.86 -6.00 -8.65
C GLY B 47 -20.12 -7.19 -9.57
N LEU B 48 -21.37 -7.34 -10.02
CA LEU B 48 -21.79 -8.42 -10.93
C LEU B 48 -21.07 -8.27 -12.25
N GLU B 49 -20.97 -7.04 -12.78
CA GLU B 49 -20.27 -6.78 -14.06
C GLU B 49 -18.82 -7.19 -13.95
N VAL B 50 -18.17 -6.91 -12.82
CA VAL B 50 -16.75 -7.29 -12.63
C VAL B 50 -16.65 -8.81 -12.57
N TYR B 51 -17.49 -9.43 -11.75
CA TYR B 51 -17.54 -10.90 -11.63
C TYR B 51 -17.68 -11.49 -13.04
N ASP B 52 -18.66 -11.02 -13.80
CA ASP B 52 -18.96 -11.60 -15.15
C ASP B 52 -17.72 -11.48 -16.03
N ILE B 53 -17.09 -10.31 -16.10
CA ILE B 53 -15.87 -10.14 -16.93
C ILE B 53 -14.76 -11.06 -16.40
N CYS B 54 -14.60 -11.18 -15.09
CA CYS B 54 -13.47 -11.99 -14.54
C CYS B 54 -13.66 -13.46 -14.90
N VAL B 55 -14.86 -14.05 -14.73
CA VAL B 55 -15.12 -15.47 -15.15
C VAL B 55 -14.85 -15.61 -16.66
N LYS B 56 -15.33 -14.65 -17.45
CA LYS B 56 -15.27 -14.67 -18.93
C LYS B 56 -13.81 -14.79 -19.37
N ILE B 57 -12.89 -14.01 -18.79
CA ILE B 57 -11.46 -13.95 -19.20
C ILE B 57 -10.64 -14.97 -18.37
N GLY B 58 -11.24 -15.57 -17.34
CA GLY B 58 -10.62 -16.66 -16.56
C GLY B 58 -9.63 -16.16 -15.52
N ILE B 59 -9.95 -15.06 -14.84
CA ILE B 59 -9.22 -14.66 -13.60
C ILE B 59 -9.54 -15.68 -12.54
N GLY B 60 -8.54 -16.11 -11.77
CA GLY B 60 -8.64 -17.19 -10.78
C GLY B 60 -9.26 -16.72 -9.49
N GLU B 61 -8.93 -15.50 -9.05
CA GLU B 61 -9.37 -15.01 -7.72
C GLU B 61 -9.60 -13.49 -7.80
N VAL B 62 -10.71 -13.06 -7.19
CA VAL B 62 -11.06 -11.65 -6.96
C VAL B 62 -11.41 -11.49 -5.49
N THR B 63 -10.79 -10.52 -4.83
CA THR B 63 -11.19 -10.08 -3.49
C THR B 63 -11.83 -8.71 -3.58
N PHE B 64 -13.06 -8.59 -3.07
CA PHE B 64 -13.77 -7.30 -2.96
C PHE B 64 -13.62 -6.75 -1.55
N PHE B 65 -13.19 -5.49 -1.46
CA PHE B 65 -13.27 -4.72 -0.19
C PHE B 65 -14.75 -4.40 -0.02
N GLY B 66 -15.39 -5.00 0.98
CA GLY B 66 -16.79 -4.68 1.31
C GLY B 66 -16.96 -3.54 2.29
N PHE B 67 -16.65 -3.78 3.55
CA PHE B 67 -16.46 -2.69 4.52
C PHE B 67 -15.53 -3.15 5.63
N THR B 68 -14.91 -2.19 6.28
CA THR B 68 -13.99 -2.42 7.39
C THR B 68 -14.60 -1.95 8.70
N GLN B 69 -13.94 -2.28 9.79
CA GLN B 69 -14.29 -1.77 11.14
C GLN B 69 -14.21 -0.24 11.14
N ASP B 70 -13.19 0.32 10.49
CA ASP B 70 -13.06 1.78 10.39
C ASP B 70 -14.29 2.37 9.69
N ASN B 71 -14.82 1.69 8.67
CA ASN B 71 -15.99 2.22 7.92
C ASN B 71 -17.19 2.33 8.89
N THR B 72 -17.25 1.48 9.91
CA THR B 72 -18.44 1.45 10.80
C THR B 72 -18.47 2.67 11.73
N LYS B 73 -17.46 3.54 11.70
CA LYS B 73 -17.50 4.87 12.38
C LYS B 73 -18.39 5.87 11.64
N ARG B 74 -18.79 5.56 10.39
CA ARG B 74 -19.59 6.45 9.54
C ARG B 74 -21.00 6.51 10.13
N PRO B 75 -21.77 7.57 9.82
CA PRO B 75 -23.16 7.68 10.28
C PRO B 75 -23.98 6.39 10.07
N GLN B 76 -24.93 6.11 10.98
CA GLN B 76 -25.72 4.86 10.99
C GLN B 76 -26.44 4.65 9.65
N ILE B 77 -26.96 5.71 9.05
CA ILE B 77 -27.73 5.68 7.77
C ILE B 77 -26.78 5.23 6.64
N GLN B 78 -25.53 5.68 6.64
CA GLN B 78 -24.53 5.18 5.66
C GLN B 78 -24.20 3.71 5.92
N ARG B 79 -24.00 3.33 7.19
CA ARG B 79 -23.60 1.97 7.56
C ARG B 79 -24.67 0.98 7.12
N LYS B 80 -25.92 1.30 7.38
CA LYS B 80 -26.97 0.39 6.92
C LYS B 80 -26.89 0.28 5.39
N ALA B 81 -26.79 1.38 4.64
CA ALA B 81 -26.78 1.32 3.17
C ALA B 81 -25.60 0.46 2.63
N PHE B 82 -24.39 0.61 3.17
CA PHE B 82 -23.22 -0.14 2.64
C PHE B 82 -23.28 -1.60 3.11
N THR B 83 -23.76 -1.86 4.34
CA THR B 83 -23.87 -3.24 4.87
C THR B 83 -24.93 -3.98 4.02
N ASP B 84 -26.08 -3.36 3.83
CA ASP B 84 -27.15 -3.99 3.01
C ASP B 84 -26.65 -4.25 1.58
N ALA B 85 -25.92 -3.31 0.98
CA ALA B 85 -25.41 -3.46 -0.39
C ALA B 85 -24.35 -4.59 -0.44
N CYS B 86 -23.50 -4.73 0.59
CA CYS B 86 -22.52 -5.83 0.71
C CYS B 86 -23.26 -7.16 0.81
N ILE B 87 -24.32 -7.21 1.60
CA ILE B 87 -25.06 -8.49 1.79
C ILE B 87 -25.68 -8.92 0.46
N LYS B 88 -26.35 -7.99 -0.24
CA LYS B 88 -26.93 -8.22 -1.60
C LYS B 88 -25.85 -8.66 -2.59
N SER B 89 -24.66 -8.07 -2.54
CA SER B 89 -23.56 -8.39 -3.49
C SER B 89 -23.05 -9.81 -3.23
N VAL B 90 -22.87 -10.20 -1.96
CA VAL B 90 -22.49 -11.60 -1.62
C VAL B 90 -23.60 -12.55 -2.12
N GLN B 91 -24.85 -12.24 -1.83
CA GLN B 91 -25.99 -13.11 -2.28
C GLN B 91 -26.03 -13.28 -3.80
N GLU B 92 -25.86 -12.20 -4.59
CA GLU B 92 -25.96 -12.23 -6.06
C GLU B 92 -24.82 -13.08 -6.61
N ILE B 93 -23.62 -13.00 -6.02
CA ILE B 93 -22.46 -13.85 -6.43
C ILE B 93 -22.71 -15.30 -6.00
N ALA B 94 -23.30 -15.54 -4.84
CA ALA B 94 -23.57 -16.91 -4.35
C ALA B 94 -24.49 -17.69 -5.30
N LYS B 95 -25.36 -17.00 -6.05
CA LYS B 95 -26.21 -17.62 -7.11
C LYS B 95 -25.38 -18.09 -8.31
N ARG B 96 -24.14 -17.62 -8.48
CA ARG B 96 -23.31 -17.96 -9.67
C ARG B 96 -22.40 -19.13 -9.29
N ASP B 97 -21.49 -19.51 -10.19
CA ASP B 97 -20.66 -20.74 -10.08
C ASP B 97 -19.30 -20.34 -9.50
N ALA B 98 -19.31 -19.88 -8.25
CA ALA B 98 -18.18 -19.22 -7.59
C ALA B 98 -17.93 -19.79 -6.18
N GLU B 99 -16.67 -19.96 -5.81
CA GLU B 99 -16.25 -20.38 -4.47
C GLU B 99 -16.12 -19.13 -3.62
N ILE B 100 -17.02 -18.91 -2.69
CA ILE B 100 -17.18 -17.64 -1.94
C ILE B 100 -16.50 -17.77 -0.58
N LEU B 101 -15.76 -16.75 -0.17
CA LEU B 101 -15.22 -16.68 1.21
C LEU B 101 -15.45 -15.27 1.74
N VAL B 102 -16.01 -15.14 2.93
CA VAL B 102 -16.12 -13.82 3.61
C VAL B 102 -15.10 -13.82 4.74
N VAL B 103 -14.24 -12.81 4.78
CA VAL B 103 -13.27 -12.63 5.90
C VAL B 103 -13.62 -11.36 6.64
N GLY B 104 -13.74 -11.46 7.95
CA GLY B 104 -13.99 -10.30 8.83
C GLY B 104 -14.22 -10.72 10.26
N ASN B 105 -14.34 -9.74 11.13
CA ASN B 105 -14.54 -9.94 12.58
C ASN B 105 -16.02 -10.26 12.78
N THR B 106 -16.33 -11.53 13.06
CA THR B 106 -17.70 -12.05 13.30
C THR B 106 -18.07 -11.85 14.76
N ASN B 107 -17.10 -11.52 15.62
CA ASN B 107 -17.29 -11.28 17.07
C ASN B 107 -17.80 -9.87 17.30
N SER B 108 -18.90 -9.51 16.63
CA SER B 108 -19.50 -8.16 16.63
C SER B 108 -20.97 -8.24 16.19
N ASP B 109 -21.84 -7.43 16.80
CA ASP B 109 -23.23 -7.09 16.36
C ASP B 109 -23.30 -6.66 14.90
N ILE B 110 -22.19 -6.14 14.38
CA ILE B 110 -22.10 -5.47 13.05
C ILE B 110 -22.04 -6.56 11.98
N PHE B 111 -21.44 -7.70 12.29
CA PHE B 111 -21.21 -8.75 11.28
C PHE B 111 -22.57 -9.33 10.88
N PRO B 112 -22.97 -9.30 9.59
CA PRO B 112 -24.30 -9.76 9.20
C PRO B 112 -24.43 -11.28 9.33
N GLU B 113 -25.42 -11.75 10.10
CA GLU B 113 -25.66 -13.19 10.34
C GLU B 113 -25.87 -13.91 9.02
N GLU B 114 -26.46 -13.23 8.02
CA GLU B 114 -26.66 -13.75 6.63
C GLU B 114 -25.36 -14.25 6.01
N LEU B 115 -24.20 -13.69 6.40
CA LEU B 115 -22.93 -13.99 5.69
C LEU B 115 -22.06 -14.97 6.49
N LEU B 116 -22.53 -15.40 7.67
CA LEU B 116 -21.78 -16.31 8.57
C LEU B 116 -21.48 -17.62 7.84
N GLU B 117 -22.37 -18.07 6.96
CA GLU B 117 -22.22 -19.34 6.22
C GLU B 117 -21.11 -19.24 5.16
N TYR B 118 -20.60 -18.04 4.82
CA TYR B 118 -19.50 -17.91 3.84
C TYR B 118 -18.15 -17.75 4.55
N THR B 119 -18.11 -17.81 5.88
CA THR B 119 -16.83 -17.61 6.62
C THR B 119 -15.94 -18.84 6.51
N LYS B 120 -16.39 -19.93 5.88
CA LYS B 120 -15.55 -21.00 5.28
C LYS B 120 -15.91 -21.14 3.81
N ARG B 121 -14.91 -21.32 2.96
CA ARG B 121 -15.04 -21.23 1.48
C ARG B 121 -16.03 -22.29 0.98
N THR B 122 -17.03 -21.86 0.20
CA THR B 122 -18.09 -22.69 -0.42
C THR B 122 -17.59 -23.27 -1.74
N LYS B 123 -18.25 -24.35 -2.21
CA LYS B 123 -18.04 -24.99 -3.54
C LYS B 123 -16.57 -25.28 -3.79
N VAL B 124 -15.79 -25.63 -2.76
CA VAL B 124 -14.32 -25.95 -2.86
C VAL B 124 -14.11 -27.05 -3.92
N GLY B 125 -13.33 -26.77 -4.97
CA GLY B 125 -12.98 -27.72 -6.04
C GLY B 125 -13.13 -27.12 -7.43
N ILE B 129 -14.12 -20.08 -10.11
CA ILE B 129 -13.48 -18.78 -9.72
C ILE B 129 -13.61 -18.62 -8.21
N LYS B 130 -12.56 -18.14 -7.51
CA LYS B 130 -12.64 -17.80 -6.07
C LYS B 130 -13.05 -16.32 -5.88
N ILE B 131 -14.10 -16.03 -5.12
CA ILE B 131 -14.50 -14.63 -4.83
C ILE B 131 -14.45 -14.49 -3.32
N ASN B 132 -13.66 -13.53 -2.87
CA ASN B 132 -13.56 -13.18 -1.43
C ASN B 132 -14.21 -11.82 -1.19
N PHE B 133 -14.80 -11.65 -0.04
CA PHE B 133 -15.34 -10.35 0.42
C PHE B 133 -14.77 -10.03 1.78
N LEU B 134 -14.32 -8.78 1.97
CA LEU B 134 -13.94 -8.31 3.29
C LEU B 134 -15.14 -7.58 3.90
N ILE B 135 -15.61 -8.12 5.01
CA ILE B 135 -16.85 -7.66 5.70
C ILE B 135 -16.56 -7.49 7.18
N ASN B 136 -16.68 -6.27 7.70
CA ASN B 136 -16.25 -5.92 9.05
C ASN B 136 -14.80 -6.38 9.22
N TYR B 137 -14.01 -6.19 8.17
CA TYR B 137 -12.57 -6.53 8.17
C TYR B 137 -11.78 -5.38 8.82
N GLY B 138 -10.68 -5.72 9.50
CA GLY B 138 -9.74 -4.70 10.00
C GLY B 138 -8.30 -5.19 9.91
N TRP B 139 -7.40 -4.31 9.45
CA TRP B 139 -6.00 -4.72 9.22
C TRP B 139 -5.38 -5.17 10.55
N TYR B 140 -5.68 -4.44 11.64
CA TYR B 140 -5.09 -4.71 12.98
C TYR B 140 -5.67 -6.04 13.47
N TRP B 141 -6.99 -6.14 13.40
CA TRP B 141 -7.69 -7.43 13.66
C TRP B 141 -7.07 -8.57 12.86
N ASP B 142 -6.75 -8.36 11.57
CA ASP B 142 -6.18 -9.42 10.72
C ASP B 142 -4.83 -9.87 11.30
N LEU B 143 -3.89 -8.93 11.45
CA LEU B 143 -2.48 -9.26 11.81
C LEU B 143 -2.46 -9.88 13.23
N THR B 144 -3.32 -9.40 14.14
CA THR B 144 -3.29 -9.83 15.58
C THR B 144 -4.06 -11.15 15.79
N TYR B 145 -4.77 -11.65 14.78
CA TYR B 145 -5.62 -12.86 14.85
C TYR B 145 -4.91 -14.12 15.36
N ALA B 146 -3.67 -14.37 14.91
CA ALA B 146 -2.80 -15.46 15.43
C ALA B 146 -2.70 -15.34 16.95
N TYR B 147 -2.21 -14.18 17.41
CA TYR B 147 -2.07 -13.68 18.81
C TYR B 147 -0.61 -13.86 19.25
N MET B 156 1.84 -15.08 12.25
CA MET B 156 2.76 -15.30 11.10
C MET B 156 1.92 -15.43 9.82
N ILE B 157 2.56 -15.49 8.65
CA ILE B 157 1.89 -15.52 7.31
C ILE B 157 0.66 -16.45 7.34
N GLU B 158 0.71 -17.57 8.07
CA GLU B 158 -0.31 -18.63 7.86
C GLU B 158 -1.38 -18.57 8.96
N ASN B 159 -1.22 -17.75 9.99
CA ASN B 159 -2.19 -17.68 11.11
C ASN B 159 -2.97 -16.34 11.11
N ILE B 160 -2.63 -15.36 10.27
CA ILE B 160 -3.48 -14.12 10.19
C ILE B 160 -4.88 -14.52 9.73
N ALA B 161 -5.88 -13.71 10.08
CA ALA B 161 -7.30 -13.98 9.78
C ALA B 161 -7.47 -14.25 8.28
N SER B 162 -6.79 -13.49 7.41
CA SER B 162 -6.94 -13.57 5.94
C SER B 162 -5.96 -14.56 5.29
N ALA B 163 -5.41 -15.52 6.03
CA ALA B 163 -4.36 -16.43 5.50
C ALA B 163 -4.84 -17.19 4.26
N GLU B 164 -6.14 -17.43 4.08
CA GLU B 164 -6.66 -18.20 2.92
C GLU B 164 -6.57 -17.35 1.64
N ILE B 165 -6.49 -16.04 1.79
CA ILE B 165 -6.38 -15.08 0.67
C ILE B 165 -4.90 -14.89 0.34
N PRO B 166 -4.49 -15.25 -0.88
CA PRO B 166 -3.10 -15.18 -1.29
C PRO B 166 -2.72 -13.77 -1.71
N ARG B 167 -1.45 -13.62 -2.08
CA ARG B 167 -0.86 -12.38 -2.61
C ARG B 167 -1.81 -11.75 -3.66
N VAL B 168 -2.04 -10.44 -3.58
CA VAL B 168 -2.75 -9.68 -4.64
C VAL B 168 -1.77 -9.25 -5.73
N ASP B 169 -2.08 -9.56 -6.99
CA ASP B 169 -1.24 -9.14 -8.14
C ASP B 169 -1.59 -7.72 -8.59
N LEU B 170 -2.89 -7.44 -8.73
CA LEU B 170 -3.40 -6.16 -9.24
C LEU B 170 -4.53 -5.72 -8.31
N LEU B 171 -4.40 -4.54 -7.76
CA LEU B 171 -5.46 -3.89 -6.95
C LEU B 171 -5.99 -2.72 -7.75
N ILE B 172 -7.33 -2.68 -7.94
CA ILE B 172 -7.97 -1.61 -8.71
C ILE B 172 -8.87 -0.85 -7.74
N ARG B 173 -8.69 0.44 -7.66
CA ARG B 173 -9.51 1.28 -6.76
C ARG B 173 -10.24 2.35 -7.57
N TRP B 174 -11.57 2.40 -7.43
CA TRP B 174 -12.42 3.48 -7.98
C TRP B 174 -12.45 4.67 -7.03
N GLY B 175 -12.95 5.80 -7.52
CA GLY B 175 -13.14 7.02 -6.73
C GLY B 175 -11.86 7.84 -6.56
N GLY B 176 -10.81 7.58 -7.34
CA GLY B 176 -9.70 8.54 -7.47
C GLY B 176 -8.66 8.57 -6.37
N ARG B 177 -8.85 7.91 -5.23
CA ARG B 177 -7.90 7.96 -4.10
C ARG B 177 -6.87 6.84 -4.30
N CYS B 178 -5.59 7.11 -4.13
CA CYS B 178 -4.50 6.13 -4.31
C CYS B 178 -3.96 5.73 -2.93
N ARG B 179 -4.66 4.82 -2.25
CA ARG B 179 -4.32 4.33 -0.90
C ARG B 179 -5.01 3.00 -0.73
N LEU B 180 -4.55 2.21 0.25
CA LEU B 180 -5.09 0.86 0.49
C LEU B 180 -6.29 0.93 1.45
N SER B 181 -6.42 1.96 2.26
CA SER B 181 -7.40 2.11 3.35
C SER B 181 -7.40 0.82 4.18
N GLY B 182 -6.22 0.29 4.51
CA GLY B 182 -6.09 -0.90 5.36
C GLY B 182 -6.52 -2.22 4.73
N MET B 183 -6.58 -2.34 3.40
CA MET B 183 -6.90 -3.64 2.77
C MET B 183 -5.68 -4.55 2.82
N LEU B 184 -5.78 -5.67 3.55
CA LEU B 184 -4.85 -6.82 3.41
C LEU B 184 -3.39 -6.34 3.33
N PRO B 185 -2.82 -5.76 4.40
CA PRO B 185 -1.42 -5.30 4.37
C PRO B 185 -0.43 -6.39 3.94
N VAL B 186 -0.64 -7.63 4.37
CA VAL B 186 0.28 -8.72 3.97
C VAL B 186 0.21 -9.02 2.47
N GLN B 187 -0.97 -9.19 1.89
CA GLN B 187 -1.16 -9.63 0.47
C GLN B 187 -0.89 -8.49 -0.51
N THR B 188 -0.88 -7.22 -0.05
CA THR B 188 -0.75 -6.09 -1.00
C THR B 188 0.71 -5.58 -1.09
N VAL B 189 1.67 -6.21 -0.42
CA VAL B 189 3.04 -5.62 -0.29
C VAL B 189 3.65 -5.33 -1.68
N TYR B 190 3.43 -6.19 -2.67
CA TYR B 190 4.02 -6.04 -4.03
C TYR B 190 2.95 -5.75 -5.09
N SER B 191 1.70 -5.54 -4.67
CA SER B 191 0.61 -5.37 -5.64
C SER B 191 0.88 -4.16 -6.53
N ASP B 192 0.59 -4.31 -7.81
CA ASP B 192 0.47 -3.16 -8.73
C ASP B 192 -0.90 -2.53 -8.49
N ILE B 193 -0.93 -1.21 -8.33
CA ILE B 193 -2.18 -0.47 -7.98
C ILE B 193 -2.60 0.42 -9.17
N TYR B 194 -3.88 0.30 -9.56
CA TYR B 194 -4.49 1.09 -10.66
C TYR B 194 -5.68 1.83 -10.10
N VAL B 195 -5.67 3.16 -10.21
CA VAL B 195 -6.75 4.07 -9.75
C VAL B 195 -7.60 4.54 -10.91
N VAL B 196 -8.89 4.26 -10.82
CA VAL B 196 -9.94 4.80 -11.72
C VAL B 196 -10.49 6.07 -11.05
N ASP B 197 -10.49 7.21 -11.74
CA ASP B 197 -10.98 8.48 -11.13
C ASP B 197 -12.50 8.45 -10.93
N GLU B 198 -13.24 7.84 -11.87
CA GLU B 198 -14.71 7.68 -11.72
C GLU B 198 -15.07 6.91 -10.45
N MET B 199 -16.22 7.26 -9.88
CA MET B 199 -16.76 6.66 -8.67
C MET B 199 -17.25 5.25 -9.05
N TRP B 200 -17.23 4.33 -8.10
CA TRP B 200 -17.59 2.92 -8.29
C TRP B 200 -18.95 2.78 -8.99
N PRO B 201 -20.04 3.48 -8.61
CA PRO B 201 -21.32 3.26 -9.33
C PRO B 201 -21.23 3.63 -10.81
N ASP B 202 -20.22 4.40 -11.20
CA ASP B 202 -19.96 4.77 -12.61
C ASP B 202 -19.05 3.75 -13.27
N PHE B 203 -18.86 2.58 -12.63
CA PHE B 203 -18.12 1.46 -13.23
C PHE B 203 -18.45 1.30 -14.72
N LYS B 204 -17.45 1.20 -15.56
CA LYS B 204 -17.55 0.74 -16.98
C LYS B 204 -16.58 -0.40 -17.21
N PRO B 205 -16.97 -1.38 -18.08
CA PRO B 205 -16.06 -2.43 -18.51
C PRO B 205 -14.66 -1.90 -18.87
N GLU B 206 -14.52 -0.75 -19.53
CA GLU B 206 -13.18 -0.24 -19.97
C GLU B 206 -12.25 0.12 -18.77
N HIS B 207 -12.82 0.47 -17.61
CA HIS B 207 -12.06 0.66 -16.35
C HIS B 207 -11.24 -0.60 -16.03
N LEU B 208 -11.88 -1.76 -16.06
CA LEU B 208 -11.22 -3.04 -15.72
C LEU B 208 -10.24 -3.37 -16.86
N PHE B 209 -10.62 -3.11 -18.12
CA PHE B 209 -9.70 -3.40 -19.25
C PHE B 209 -8.47 -2.52 -19.17
N LYS B 210 -8.60 -1.23 -18.88
CA LYS B 210 -7.41 -0.35 -18.76
C LYS B 210 -6.51 -0.82 -17.62
N ALA B 211 -7.07 -1.38 -16.54
CA ALA B 211 -6.29 -1.86 -15.37
C ALA B 211 -5.48 -3.08 -15.79
N LEU B 212 -6.13 -4.02 -16.49
CA LEU B 212 -5.47 -5.22 -17.07
C LEU B 212 -4.40 -4.80 -18.11
N GLU B 213 -4.63 -3.77 -18.92
CA GLU B 213 -3.59 -3.27 -19.87
C GLU B 213 -2.40 -2.71 -19.10
N PHE B 214 -2.66 -1.99 -18.01
CA PHE B 214 -1.63 -1.53 -17.05
C PHE B 214 -0.85 -2.74 -16.50
N TYR B 215 -1.55 -3.78 -16.05
CA TYR B 215 -0.91 -4.91 -15.37
C TYR B 215 0.05 -5.62 -16.33
N GLN B 216 -0.40 -5.88 -17.55
CA GLN B 216 0.41 -6.63 -18.56
C GLN B 216 1.58 -5.78 -19.06
N ASN B 217 1.54 -4.46 -18.89
CA ASN B 217 2.66 -3.56 -19.29
C ASN B 217 3.77 -3.54 -18.23
N GLN B 218 3.54 -4.03 -17.00
CA GLN B 218 4.58 -4.01 -15.93
C GLN B 218 5.64 -5.06 -16.25
P PO4 C . 15.31 0.08 -11.52
O1 PO4 C . 16.58 0.23 -10.73
O2 PO4 C . 14.13 0.71 -10.74
O3 PO4 C . 15.13 -1.34 -11.71
O4 PO4 C . 15.38 0.80 -12.79
C1 PLM D . -12.24 3.46 2.20
O1 PLM D . -11.77 4.56 1.85
O2 PLM D . -12.40 3.13 3.41
C2 PLM D . -12.77 2.56 1.10
C3 PLM D . -14.23 2.48 1.16
C4 PLM D . -14.83 1.36 0.35
C5 PLM D . -16.23 1.07 0.80
C6 PLM D . -17.03 0.37 -0.23
C7 PLM D . -18.41 -0.02 0.20
C8 PLM D . -18.95 -1.07 -0.68
C9 PLM D . -20.32 -1.53 -0.35
CA PLM D . -21.35 -1.19 -1.39
CB PLM D . -20.90 -1.31 -2.81
CC PLM D . -21.30 -2.60 -3.43
CD PLM D . -20.48 -3.77 -3.02
CE PLM D . -19.56 -4.25 -4.09
CF PLM D . -18.70 -5.37 -3.62
CG PLM D . -18.45 -5.34 -2.14
P PO4 E . -16.91 8.10 -0.94
O1 PO4 E . -16.38 8.69 0.32
O2 PO4 E . -17.41 9.15 -1.86
O3 PO4 E . -17.97 7.11 -0.61
O4 PO4 E . -15.84 7.43 -1.69
#